data_9ATF
#
_entry.id   9ATF
#
_cell.length_a   101.125
_cell.length_b   58.034
_cell.length_c   49.970
_cell.angle_alpha   90.00
_cell.angle_beta   112.51
_cell.angle_gamma   90.00
#
_symmetry.space_group_name_H-M   'C 1 2 1'
#
loop_
_entity.id
_entity.type
_entity.pdbx_description
1 polymer '3C-like proteinase nsp5'
2 non-polymer '(1S,2S)-2-({N-[({(2S)-1-[(4,4-difluorocyclohexyl)methyl]-5-oxopyrrolidin-2-yl}methoxy)carbonyl]-L-leucyl}amino)-1-hydroxy-3-[(3S)-2-oxopyrrolidin-3-yl]propane-1-sulfonic acid'
3 non-polymer '(1R,2S)-2-({N-[({(2S)-1-[(4,4-difluorocyclohexyl)methyl]-5-oxopyrrolidin-2-yl}methoxy)carbonyl]-L-leucyl}amino)-1-hydroxy-3-[(3S)-2-oxopyrrolidin-3-yl]propane-1-sulfonic acid'
4 water water
#
_entity_poly.entity_id   1
_entity_poly.type   'polypeptide(L)'
_entity_poly.pdbx_seq_one_letter_code
;MHHHHHHSGLVKMSHPSGDVEACMVQVTCGSMTLNGLWLDNTVWCPRHVMCPADQLSDPNYDALLISMTNHSFSVQKHIG
APANLRVVGHAMQGTLLKLTVDVANPSTPAYTFTTVKPGAAFSVLACYNGRPTGTFTVVMRPNYTIKGSFLCGSCGSVGY
TKEGSVINFCYMHQMELANGTHTGSAFDGTMYGAFMDKQVHQVQLTDKYCSVNVVAWLYAAILNGCAWFVKPNRTSVVSF
NEWALANQFTEFVGTQSVDMLAVKTGVAIEQLLYAIQQLYTGFQGKQILGSTMLEDEFTPEDVNMQIMGVVMQ
;
_entity_poly.pdbx_strand_id   A
#
loop_
_chem_comp.id
_chem_comp.type
_chem_comp.name
_chem_comp.formula
A1AGO non-polymer '(1R,2S)-2-({N-[({(2S)-1-[(4,4-difluorocyclohexyl)methyl]-5-oxopyrrolidin-2-yl}methoxy)carbonyl]-L-leucyl}amino)-1-hydroxy-3-[(3S)-2-oxopyrrolidin-3-yl]propane-1-sulfonic acid' 'C26 H42 F2 N4 O9 S'
A1AGP non-polymer '(1S,2S)-2-({N-[({(2S)-1-[(4,4-difluorocyclohexyl)methyl]-5-oxopyrrolidin-2-yl}methoxy)carbonyl]-L-leucyl}amino)-1-hydroxy-3-[(3S)-2-oxopyrrolidin-3-yl]propane-1-sulfonic acid' 'C26 H42 F2 N4 O9 S'
#
# COMPACT_ATOMS: atom_id res chain seq x y z
N HIS A 6 -8.27 -9.43 -27.08
CA HIS A 6 -7.23 -10.31 -26.46
C HIS A 6 -6.93 -9.88 -25.03
N HIS A 7 -7.17 -10.78 -24.07
CA HIS A 7 -6.92 -10.48 -22.68
C HIS A 7 -5.42 -10.51 -22.37
N SER A 8 -4.96 -9.51 -21.62
CA SER A 8 -3.53 -9.31 -21.35
C SER A 8 -2.93 -10.36 -20.43
N GLY A 9 -3.74 -11.08 -19.68
CA GLY A 9 -3.23 -11.96 -18.65
C GLY A 9 -2.85 -11.24 -17.39
N LEU A 10 -3.16 -9.94 -17.28
CA LEU A 10 -2.90 -9.16 -16.09
C LEU A 10 -4.16 -9.05 -15.24
N VAL A 11 -4.00 -9.30 -13.96
CA VAL A 11 -5.07 -9.06 -13.00
C VAL A 11 -4.41 -8.38 -11.80
N LYS A 12 -5.26 -7.83 -10.94
CA LYS A 12 -4.78 -7.33 -9.65
C LYS A 12 -4.62 -8.54 -8.74
N MET A 13 -3.39 -8.94 -8.50
CA MET A 13 -3.10 -10.16 -7.77
CA MET A 13 -3.06 -10.16 -7.79
C MET A 13 -2.53 -9.83 -6.40
N SER A 14 -3.16 -10.38 -5.38
CA SER A 14 -2.71 -10.25 -4.00
C SER A 14 -2.01 -11.52 -3.54
N HIS A 15 -1.16 -11.41 -2.53
CA HIS A 15 -0.61 -12.59 -1.89
C HIS A 15 -1.72 -13.40 -1.22
N PRO A 16 -1.59 -14.72 -1.14
CA PRO A 16 -2.50 -15.47 -0.29
C PRO A 16 -2.42 -14.94 1.14
N SER A 17 -3.58 -14.78 1.76
CA SER A 17 -3.63 -14.04 3.02
C SER A 17 -3.61 -14.88 4.30
N GLY A 18 -3.52 -16.20 4.20
CA GLY A 18 -3.71 -17.03 5.37
C GLY A 18 -2.73 -16.72 6.49
N ASP A 19 -1.46 -16.53 6.14
CA ASP A 19 -0.43 -16.27 7.15
C ASP A 19 -0.76 -15.03 7.95
N VAL A 20 -1.30 -14.02 7.30
CA VAL A 20 -1.61 -12.77 7.98
C VAL A 20 -2.95 -12.85 8.71
N GLU A 21 -3.92 -13.55 8.15
CA GLU A 21 -5.20 -13.75 8.85
C GLU A 21 -4.99 -14.26 10.27
N ALA A 22 -4.04 -15.17 10.45
CA ALA A 22 -3.77 -15.79 11.74
C ALA A 22 -3.10 -14.85 12.73
N CYS A 23 -2.79 -13.63 12.29
CA CYS A 23 -2.21 -12.62 13.16
C CYS A 23 -3.17 -11.51 13.54
N MET A 24 -4.38 -11.48 12.98
CA MET A 24 -5.28 -10.36 13.23
C MET A 24 -6.06 -10.57 14.52
N VAL A 25 -6.20 -9.47 15.26
CA VAL A 25 -6.94 -9.46 16.52
C VAL A 25 -7.82 -8.21 16.55
N GLN A 26 -8.75 -8.20 17.49
CA GLN A 26 -9.55 -7.04 17.85
C GLN A 26 -8.94 -6.38 19.08
N VAL A 27 -8.77 -5.05 19.04
CA VAL A 27 -8.32 -4.24 20.19
C VAL A 27 -9.40 -3.27 20.57
N THR A 28 -9.77 -3.26 21.85
CA THR A 28 -10.76 -2.36 22.37
C THR A 28 -10.14 -1.56 23.50
N CYS A 29 -10.48 -0.28 23.55
CA CYS A 29 -10.06 0.63 24.62
C CYS A 29 -11.28 1.52 24.82
N GLY A 30 -12.05 1.24 25.87
CA GLY A 30 -13.29 1.97 26.13
C GLY A 30 -14.30 1.86 25.00
N SER A 31 -14.76 3.02 24.52
CA SER A 31 -15.76 3.13 23.46
C SER A 31 -15.19 2.89 22.07
N MET A 32 -13.90 2.60 21.96
CA MET A 32 -13.24 2.45 20.66
C MET A 32 -12.81 1.00 20.46
N THR A 33 -13.01 0.52 19.24
CA THR A 33 -12.54 -0.80 18.85
CA THR A 33 -12.59 -0.81 18.83
C THR A 33 -11.99 -0.72 17.44
N LEU A 34 -10.89 -1.44 17.20
CA LEU A 34 -10.35 -1.54 15.86
C LEU A 34 -9.53 -2.82 15.80
N ASN A 35 -8.75 -2.97 14.74
CA ASN A 35 -7.96 -4.19 14.52
C ASN A 35 -6.53 -3.98 14.97
N GLY A 36 -5.88 -5.09 15.33
CA GLY A 36 -4.46 -5.07 15.60
C GLY A 36 -3.78 -6.29 14.97
N LEU A 37 -2.47 -6.26 15.00
CA LEU A 37 -1.61 -7.28 14.41
C LEU A 37 -0.78 -7.91 15.53
N TRP A 38 -0.93 -9.22 15.71
CA TRP A 38 -0.32 -9.96 16.82
C TRP A 38 0.85 -10.78 16.30
N LEU A 39 2.05 -10.39 16.67
CA LEU A 39 3.29 -11.04 16.26
C LEU A 39 4.10 -11.30 17.51
N ASP A 40 4.53 -12.54 17.73
CA ASP A 40 5.29 -12.85 18.95
C ASP A 40 4.43 -12.41 20.14
N ASN A 41 5.00 -11.65 21.09
CA ASN A 41 4.23 -11.16 22.25
C ASN A 41 3.82 -9.71 22.09
N THR A 42 3.71 -9.21 20.85
CA THR A 42 3.39 -7.80 20.60
C THR A 42 2.11 -7.69 19.78
N VAL A 43 1.26 -6.72 20.11
CA VAL A 43 0.08 -6.38 19.33
C VAL A 43 0.23 -4.92 18.91
N TRP A 44 0.23 -4.68 17.61
CA TRP A 44 0.32 -3.35 17.05
C TRP A 44 -1.07 -2.87 16.71
N CYS A 45 -1.39 -1.61 16.97
CA CYS A 45 -2.65 -1.06 16.51
C CYS A 45 -2.53 0.45 16.42
N PRO A 46 -3.46 1.11 15.73
CA PRO A 46 -3.46 2.57 15.67
C PRO A 46 -3.68 3.17 17.06
N ARG A 47 -2.95 4.25 17.33
CA ARG A 47 -3.07 4.86 18.65
C ARG A 47 -4.40 5.55 18.86
N HIS A 48 -5.16 5.86 17.79
CA HIS A 48 -6.41 6.56 18.06
C HIS A 48 -7.47 5.64 18.67
N VAL A 49 -7.15 4.37 18.90
CA VAL A 49 -8.04 3.56 19.71
C VAL A 49 -8.17 4.13 21.10
N MET A 50 -7.20 4.93 21.54
CA MET A 50 -7.26 5.53 22.87
C MET A 50 -8.13 6.77 22.94
N CYS A 51 -8.56 7.28 21.81
CA CYS A 51 -9.20 8.58 21.80
CA CYS A 51 -9.22 8.59 21.73
C CYS A 51 -10.72 8.41 21.90
N PRO A 52 -11.39 9.17 22.76
CA PRO A 52 -12.84 9.24 22.66
C PRO A 52 -13.22 9.98 21.38
N ALA A 53 -14.26 9.49 20.70
CA ALA A 53 -14.69 10.12 19.46
C ALA A 53 -14.88 11.64 19.61
N ASP A 54 -15.22 12.10 20.82
CA ASP A 54 -15.40 13.54 21.04
C ASP A 54 -14.12 14.31 20.76
N GLN A 55 -12.96 13.73 21.05
CA GLN A 55 -11.71 14.47 21.06
C GLN A 55 -10.81 14.17 19.86
N LEU A 56 -11.30 13.44 18.85
CA LEU A 56 -10.44 13.02 17.76
C LEU A 56 -9.81 14.16 16.97
N SER A 57 -10.32 15.39 17.11
CA SER A 57 -9.83 16.50 16.30
CA SER A 57 -9.84 16.51 16.31
C SER A 57 -8.62 17.20 16.89
N ASP A 58 -8.38 17.08 18.20
CA ASP A 58 -7.21 17.68 18.82
C ASP A 58 -6.75 16.83 19.99
N PRO A 59 -6.48 15.55 19.77
CA PRO A 59 -6.10 14.68 20.88
C PRO A 59 -4.70 14.98 21.38
N ASN A 60 -4.50 14.77 22.67
CA ASN A 60 -3.17 14.80 23.25
C ASN A 60 -2.81 13.34 23.50
N TYR A 61 -2.13 12.74 22.53
CA TYR A 61 -1.87 11.32 22.65
C TYR A 61 -0.90 11.01 23.78
N ASP A 62 0.01 11.93 24.10
CA ASP A 62 0.90 11.69 25.24
C ASP A 62 0.10 11.60 26.54
N ALA A 63 -0.89 12.46 26.69
CA ALA A 63 -1.69 12.42 27.91
C ALA A 63 -2.63 11.21 27.90
N LEU A 64 -3.20 10.89 26.75
CA LEU A 64 -4.04 9.70 26.66
C LEU A 64 -3.24 8.46 27.05
N LEU A 65 -2.03 8.32 26.52
CA LEU A 65 -1.20 7.16 26.82
C LEU A 65 -0.93 7.07 28.33
N ILE A 66 -0.58 8.19 28.95
CA ILE A 66 -0.29 8.17 30.38
C ILE A 66 -1.53 7.80 31.17
N SER A 67 -2.71 8.18 30.68
CA SER A 67 -3.97 7.87 31.37
C SER A 67 -4.35 6.40 31.30
N MET A 68 -3.75 5.62 30.38
CA MET A 68 -4.06 4.22 30.23
C MET A 68 -3.24 3.35 31.19
N THR A 69 -3.83 2.22 31.59
CA THR A 69 -3.11 1.11 32.23
C THR A 69 -3.16 -0.10 31.32
N ASN A 70 -2.46 -1.16 31.72
CA ASN A 70 -2.51 -2.37 30.91
C ASN A 70 -3.94 -2.89 30.82
N HIS A 71 -4.69 -2.75 31.90
CA HIS A 71 -6.06 -3.23 31.96
C HIS A 71 -7.01 -2.34 31.17
N SER A 72 -6.54 -1.20 30.65
CA SER A 72 -7.36 -0.36 29.78
C SER A 72 -7.65 -1.02 28.44
N PHE A 73 -6.84 -2.00 28.04
CA PHE A 73 -6.91 -2.57 26.72
C PHE A 73 -7.47 -3.98 26.80
N SER A 74 -8.30 -4.33 25.83
CA SER A 74 -8.87 -5.66 25.68
C SER A 74 -8.46 -6.15 24.30
N VAL A 75 -7.76 -7.28 24.25
CA VAL A 75 -7.33 -7.87 22.97
C VAL A 75 -7.97 -9.24 22.82
N GLN A 76 -8.63 -9.45 21.68
CA GLN A 76 -9.34 -10.70 21.41
C GLN A 76 -8.99 -11.23 20.04
N LYS A 77 -8.70 -12.53 19.96
CA LYS A 77 -8.58 -13.22 18.68
C LYS A 77 -9.86 -14.03 18.46
N HIS A 78 -10.43 -13.93 17.26
CA HIS A 78 -11.71 -14.55 16.96
C HIS A 78 -11.60 -15.80 16.10
N ILE A 79 -10.80 -15.75 15.06
CA ILE A 79 -10.84 -16.75 14.00
C ILE A 79 -9.89 -17.90 14.32
N GLY A 80 -10.31 -19.11 13.98
CA GLY A 80 -9.42 -20.26 13.95
C GLY A 80 -8.99 -20.79 15.31
N ALA A 81 -8.25 -19.98 16.05
CA ALA A 81 -7.77 -20.35 17.39
C ALA A 81 -8.18 -19.22 18.35
N PRO A 82 -9.43 -19.24 18.82
CA PRO A 82 -9.93 -18.13 19.65
C PRO A 82 -9.09 -17.95 20.92
N ALA A 83 -9.12 -16.72 21.45
CA ALA A 83 -8.29 -16.36 22.60
C ALA A 83 -8.57 -14.95 23.11
N ASN A 84 -8.57 -14.75 24.43
CA ASN A 84 -8.49 -13.41 25.02
C ASN A 84 -7.07 -13.23 25.53
N LEU A 85 -6.41 -12.17 25.07
CA LEU A 85 -5.00 -11.95 25.35
C LEU A 85 -4.84 -10.88 26.42
N ARG A 86 -4.22 -11.25 27.55
CA ARG A 86 -3.97 -10.29 28.60
C ARG A 86 -2.84 -9.34 28.22
N VAL A 87 -3.09 -8.04 28.33
CA VAL A 87 -2.06 -7.03 28.07
C VAL A 87 -1.20 -6.85 29.32
N VAL A 88 0.12 -6.93 29.15
CA VAL A 88 1.06 -6.79 30.25
C VAL A 88 2.08 -5.68 30.03
N GLY A 89 1.96 -4.93 28.95
CA GLY A 89 2.70 -3.70 28.78
C GLY A 89 2.11 -2.87 27.66
N HIS A 90 2.38 -1.57 27.68
CA HIS A 90 1.86 -0.71 26.63
C HIS A 90 2.84 0.44 26.39
N ALA A 91 2.92 0.84 25.14
CA ALA A 91 3.88 1.85 24.69
C ALA A 91 3.36 2.44 23.40
N MET A 92 3.81 3.65 23.09
CA MET A 92 3.43 4.31 21.86
C MET A 92 4.67 4.48 21.01
N GLN A 93 4.56 4.16 19.72
CA GLN A 93 5.60 4.47 18.77
C GLN A 93 4.98 5.23 17.60
N GLY A 94 5.24 6.53 17.57
CA GLY A 94 4.63 7.39 16.57
C GLY A 94 3.13 7.25 16.66
N THR A 95 2.50 6.86 15.54
CA THR A 95 1.04 6.79 15.44
C THR A 95 0.49 5.39 15.74
N LEU A 96 1.32 4.50 16.28
CA LEU A 96 0.94 3.15 16.65
C LEU A 96 1.13 2.95 18.14
N LEU A 97 0.28 2.11 18.69
CA LEU A 97 0.52 1.47 19.97
C LEU A 97 1.19 0.13 19.78
N LYS A 98 2.07 -0.19 20.72
CA LYS A 98 2.75 -1.45 20.84
C LYS A 98 2.30 -2.01 22.17
N LEU A 99 1.40 -2.99 22.15
CA LEU A 99 0.93 -3.65 23.37
C LEU A 99 1.71 -4.93 23.53
N THR A 100 2.16 -5.22 24.74
CA THR A 100 2.78 -6.49 25.03
C THR A 100 1.73 -7.38 25.67
N VAL A 101 1.64 -8.64 25.21
CA VAL A 101 0.64 -9.58 25.69
C VAL A 101 1.35 -10.80 26.26
N ASP A 102 0.63 -11.55 27.09
CA ASP A 102 1.30 -12.61 27.83
C ASP A 102 1.42 -13.91 27.07
N VAL A 103 0.88 -14.00 25.85
CA VAL A 103 0.95 -15.20 25.03
C VAL A 103 1.58 -14.82 23.70
N ALA A 104 2.58 -15.60 23.29
CA ALA A 104 3.17 -15.40 21.96
C ALA A 104 2.28 -16.06 20.92
N ASN A 105 2.01 -15.34 19.82
CA ASN A 105 1.20 -15.89 18.74
C ASN A 105 1.87 -17.16 18.21
N PRO A 106 1.25 -18.33 18.39
CA PRO A 106 1.86 -19.57 17.91
C PRO A 106 1.90 -19.67 16.40
N SER A 107 1.19 -18.79 15.69
CA SER A 107 1.20 -18.75 14.24
C SER A 107 1.95 -17.54 13.70
N THR A 108 2.89 -17.00 14.45
CA THR A 108 3.67 -15.88 13.97
C THR A 108 4.47 -16.34 12.75
N PRO A 109 4.32 -15.71 11.60
CA PRO A 109 5.16 -16.06 10.45
C PRO A 109 6.54 -15.41 10.58
N ALA A 110 7.46 -15.85 9.74
CA ALA A 110 8.69 -15.09 9.57
C ALA A 110 8.34 -13.73 8.98
N TYR A 111 8.88 -12.66 9.54
CA TYR A 111 8.43 -11.33 9.13
C TYR A 111 9.51 -10.29 9.32
N THR A 112 9.34 -9.20 8.59
CA THR A 112 10.12 -7.98 8.76
C THR A 112 9.14 -6.82 8.64
N PHE A 113 9.65 -5.63 8.98
CA PHE A 113 8.92 -4.39 8.78
C PHE A 113 9.71 -3.58 7.76
N THR A 114 9.01 -3.01 6.79
CA THR A 114 9.65 -2.20 5.78
C THR A 114 8.72 -1.05 5.42
N THR A 115 9.25 -0.05 4.75
CA THR A 115 8.43 1.04 4.22
C THR A 115 8.33 0.89 2.71
N VAL A 116 7.13 1.02 2.20
CA VAL A 116 6.89 0.90 0.76
CA VAL A 116 6.87 0.90 0.77
C VAL A 116 7.06 2.25 0.12
N LYS A 117 7.52 2.25 -1.11
CA LYS A 117 7.80 3.46 -1.86
C LYS A 117 6.74 3.71 -2.93
N PRO A 118 6.58 4.96 -3.36
CA PRO A 118 5.62 5.25 -4.41
C PRO A 118 5.86 4.40 -5.63
N GLY A 119 4.75 3.93 -6.21
CA GLY A 119 4.78 3.06 -7.36
C GLY A 119 4.83 1.59 -7.02
N ALA A 120 5.26 1.24 -5.83
CA ALA A 120 5.34 -0.16 -5.43
C ALA A 120 3.99 -0.67 -4.95
N ALA A 121 3.75 -1.96 -5.20
CA ALA A 121 2.48 -2.59 -4.87
C ALA A 121 2.59 -3.38 -3.58
N PHE A 122 1.47 -3.51 -2.91
CA PHE A 122 1.38 -4.37 -1.75
C PHE A 122 -0.04 -4.87 -1.59
N SER A 123 -0.16 -5.93 -0.80
CA SER A 123 -1.43 -6.58 -0.52
C SER A 123 -2.01 -6.05 0.78
N VAL A 124 -3.32 -5.90 0.83
CA VAL A 124 -4.02 -5.44 2.01
C VAL A 124 -5.01 -6.51 2.45
N LEU A 125 -5.04 -6.78 3.74
CA LEU A 125 -6.06 -7.60 4.37
C LEU A 125 -6.99 -6.69 5.16
N ALA A 126 -8.15 -6.43 4.59
CA ALA A 126 -9.17 -5.60 5.22
C ALA A 126 -9.91 -6.41 6.28
N CYS A 127 -10.00 -5.84 7.47
CA CYS A 127 -10.56 -6.50 8.63
C CYS A 127 -11.50 -5.54 9.36
N TYR A 128 -12.48 -6.13 10.00
CA TYR A 128 -13.45 -5.40 10.83
C TYR A 128 -13.65 -6.21 12.09
N ASN A 129 -13.49 -5.58 13.25
CA ASN A 129 -13.69 -6.26 14.54
C ASN A 129 -12.79 -7.49 14.67
N GLY A 130 -11.58 -7.40 14.13
CA GLY A 130 -10.61 -8.46 14.19
C GLY A 130 -10.90 -9.62 13.27
N ARG A 131 -11.86 -9.48 12.36
CA ARG A 131 -12.23 -10.54 11.44
C ARG A 131 -11.85 -10.14 10.03
N PRO A 132 -11.00 -10.90 9.36
CA PRO A 132 -10.65 -10.57 7.97
C PRO A 132 -11.89 -10.71 7.09
N THR A 133 -12.08 -9.73 6.20
CA THR A 133 -13.23 -9.73 5.33
CA THR A 133 -13.24 -9.61 5.34
C THR A 133 -12.90 -9.64 3.85
N GLY A 134 -11.73 -9.18 3.48
CA GLY A 134 -11.39 -9.11 2.08
C GLY A 134 -9.92 -8.82 1.90
N THR A 135 -9.44 -9.14 0.70
CA THR A 135 -8.08 -8.78 0.36
C THR A 135 -8.00 -8.17 -1.05
N PHE A 136 -7.10 -7.23 -1.19
CA PHE A 136 -6.92 -6.50 -2.44
C PHE A 136 -5.49 -6.01 -2.50
N THR A 137 -5.06 -5.59 -3.68
CA THR A 137 -3.73 -5.05 -3.86
C THR A 137 -3.82 -3.60 -4.33
N VAL A 138 -2.88 -2.79 -3.86
CA VAL A 138 -2.81 -1.37 -4.20
C VAL A 138 -1.38 -1.02 -4.53
N VAL A 139 -1.20 0.10 -5.23
CA VAL A 139 0.11 0.74 -5.41
CA VAL A 139 0.12 0.72 -5.39
C VAL A 139 0.16 1.98 -4.53
N MET A 140 1.27 2.19 -3.86
CA MET A 140 1.46 3.43 -3.11
C MET A 140 1.55 4.59 -4.12
N ARG A 141 0.67 5.56 -3.99
CA ARG A 141 0.71 6.67 -4.93
C ARG A 141 1.86 7.63 -4.63
N PRO A 142 2.28 8.41 -5.62
CA PRO A 142 3.31 9.45 -5.40
C PRO A 142 2.96 10.45 -4.32
N ASN A 143 1.69 10.68 -4.00
CA ASN A 143 1.32 11.55 -2.88
C ASN A 143 1.05 10.78 -1.59
N TYR A 144 1.51 9.52 -1.51
CA TYR A 144 1.49 8.73 -0.28
C TYR A 144 0.07 8.47 0.21
N THR A 145 -0.82 8.22 -0.74
CA THR A 145 -2.13 7.67 -0.48
C THR A 145 -2.25 6.37 -1.25
N ILE A 146 -3.28 5.61 -0.93
CA ILE A 146 -3.66 4.42 -1.69
C ILE A 146 -5.13 4.51 -2.03
N LYS A 147 -5.47 3.89 -3.15
CA LYS A 147 -6.84 3.86 -3.63
C LYS A 147 -7.41 2.55 -3.12
N GLY A 148 -7.80 2.55 -1.85
CA GLY A 148 -8.30 1.36 -1.21
C GLY A 148 -9.82 1.22 -1.18
N SER A 149 -10.27 0.33 -0.31
CA SER A 149 -11.70 0.12 -0.05
C SER A 149 -11.78 -0.18 1.43
N PHE A 150 -12.12 0.85 2.21
CA PHE A 150 -12.05 0.78 3.67
C PHE A 150 -13.25 1.54 4.22
N LEU A 151 -13.94 0.96 5.18
CA LEU A 151 -15.13 1.56 5.78
C LEU A 151 -14.86 1.79 7.26
N CYS A 152 -15.85 2.35 7.96
CA CYS A 152 -15.70 2.50 9.40
CA CYS A 152 -15.74 2.49 9.41
C CYS A 152 -15.38 1.15 10.04
N GLY A 153 -14.40 1.16 10.94
CA GLY A 153 -13.95 -0.05 11.62
C GLY A 153 -12.76 -0.74 11.01
N SER A 154 -12.26 -0.26 9.88
CA SER A 154 -11.19 -0.92 9.18
C SER A 154 -9.82 -0.55 9.70
N CYS A 155 -9.70 0.43 10.57
CA CYS A 155 -8.37 0.83 10.99
C CYS A 155 -7.66 -0.31 11.69
N GLY A 156 -6.36 -0.39 11.47
CA GLY A 156 -5.57 -1.50 11.92
C GLY A 156 -5.48 -2.62 10.90
N SER A 157 -6.25 -2.56 9.82
CA SER A 157 -6.03 -3.45 8.68
C SER A 157 -4.60 -3.26 8.18
N VAL A 158 -4.00 -4.34 7.68
CA VAL A 158 -2.57 -4.34 7.39
C VAL A 158 -2.29 -4.56 5.91
N GLY A 159 -1.20 -3.93 5.47
CA GLY A 159 -0.63 -4.16 4.15
C GLY A 159 0.76 -4.77 4.25
N TYR A 160 1.12 -5.57 3.25
CA TYR A 160 2.34 -6.37 3.31
C TYR A 160 2.73 -6.82 1.92
N THR A 161 4.01 -7.15 1.79
CA THR A 161 4.57 -7.89 0.67
C THR A 161 5.15 -9.17 1.23
N LYS A 162 5.54 -10.08 0.34
CA LYS A 162 6.12 -11.33 0.78
C LYS A 162 7.33 -11.59 -0.10
N GLU A 163 8.45 -11.96 0.53
CA GLU A 163 9.66 -12.42 -0.15
C GLU A 163 9.93 -13.83 0.36
N GLY A 164 9.75 -14.82 -0.51
CA GLY A 164 9.81 -16.18 -0.02
C GLY A 164 8.70 -16.41 0.99
N SER A 165 9.05 -17.01 2.12
CA SER A 165 8.13 -17.22 3.22
C SER A 165 8.05 -16.02 4.16
N VAL A 166 8.86 -14.99 3.95
CA VAL A 166 8.93 -13.85 4.88
C VAL A 166 7.94 -12.77 4.49
N ILE A 167 7.09 -12.41 5.43
CA ILE A 167 6.10 -11.36 5.25
C ILE A 167 6.73 -10.03 5.66
N ASN A 168 6.67 -9.05 4.75
CA ASN A 168 7.21 -7.70 4.98
C ASN A 168 6.03 -6.79 5.22
N PHE A 169 5.77 -6.50 6.48
CA PHE A 169 4.64 -5.65 6.80
C PHE A 169 5.04 -4.20 6.55
N CYS A 170 4.19 -3.48 5.81
CA CYS A 170 4.52 -2.12 5.40
C CYS A 170 3.44 -1.09 5.65
N TYR A 171 2.26 -1.46 6.11
CA TYR A 171 1.16 -0.50 6.20
C TYR A 171 0.19 -0.94 7.26
N MET A 172 -0.27 0.02 8.05
CA MET A 172 -1.36 -0.19 8.99
C MET A 172 -2.37 0.94 8.79
N HIS A 173 -3.60 0.59 8.47
CA HIS A 173 -4.57 1.56 7.98
C HIS A 173 -5.00 2.53 9.07
N GLN A 174 -5.07 3.85 8.71
CA GLN A 174 -5.47 4.90 9.65
C GLN A 174 -6.65 5.78 9.21
N MET A 175 -6.77 6.10 7.93
CA MET A 175 -7.70 7.17 7.61
C MET A 175 -8.05 7.22 6.14
N GLU A 176 -9.14 7.93 5.87
CA GLU A 176 -9.64 8.23 4.54
C GLU A 176 -9.56 9.73 4.33
N LEU A 177 -9.04 10.13 3.17
CA LEU A 177 -8.89 11.53 2.84
C LEU A 177 -10.14 12.02 2.10
N ALA A 178 -10.18 13.33 1.88
CA ALA A 178 -11.39 13.94 1.34
C ALA A 178 -11.71 13.45 -0.05
N ASN A 179 -10.69 13.06 -0.82
CA ASN A 179 -10.92 12.59 -2.18
C ASN A 179 -11.18 11.10 -2.25
N GLY A 180 -11.40 10.45 -1.12
CA GLY A 180 -11.75 9.04 -1.09
C GLY A 180 -10.56 8.09 -1.04
N THR A 181 -9.34 8.60 -1.15
CA THR A 181 -8.19 7.73 -1.01
C THR A 181 -7.89 7.56 0.47
N HIS A 182 -6.89 6.75 0.77
CA HIS A 182 -6.59 6.25 2.10
C HIS A 182 -5.13 6.41 2.42
N THR A 183 -4.83 6.52 3.70
CA THR A 183 -3.45 6.39 4.13
C THR A 183 -3.35 5.81 5.53
N GLY A 184 -2.12 5.56 5.95
CA GLY A 184 -1.85 4.87 7.17
C GLY A 184 -0.38 4.98 7.52
N SER A 185 0.05 4.12 8.44
CA SER A 185 1.34 4.18 9.10
C SER A 185 2.22 3.06 8.58
N ALA A 186 3.52 3.28 8.62
CA ALA A 186 4.48 2.20 8.63
C ALA A 186 4.67 1.73 10.06
N PHE A 187 5.30 0.57 10.23
CA PHE A 187 5.43 0.00 11.58
C PHE A 187 6.53 0.63 12.39
N ASP A 188 7.25 1.63 11.86
CA ASP A 188 8.03 2.51 12.71
C ASP A 188 7.17 3.62 13.29
N GLY A 189 5.87 3.61 13.01
CA GLY A 189 4.97 4.57 13.59
C GLY A 189 4.83 5.86 12.80
N THR A 190 5.60 6.05 11.74
CA THR A 190 5.45 7.25 10.92
C THR A 190 4.25 7.08 10.00
N MET A 191 3.48 8.15 9.82
CA MET A 191 2.47 8.12 8.77
CA MET A 191 2.47 8.14 8.76
C MET A 191 3.15 8.30 7.41
N TYR A 192 2.60 7.63 6.40
CA TYR A 192 3.05 7.87 5.04
C TYR A 192 2.73 9.33 4.70
N GLY A 193 3.59 9.94 3.93
CA GLY A 193 3.41 11.33 3.54
C GLY A 193 3.46 12.29 4.70
N ALA A 194 2.77 13.40 4.50
CA ALA A 194 2.75 14.50 5.46
C ALA A 194 1.51 14.45 6.35
N PHE A 195 0.79 13.34 6.34
CA PHE A 195 -0.50 13.23 7.01
C PHE A 195 -0.33 13.05 8.52
N MET A 196 -1.34 13.52 9.26
CA MET A 196 -1.41 13.32 10.70
C MET A 196 -2.67 12.55 11.05
N ASP A 197 -2.59 11.76 12.13
CA ASP A 197 -3.73 10.95 12.59
C ASP A 197 -4.64 11.77 13.51
N LYS A 198 -5.25 12.79 12.90
CA LYS A 198 -6.23 13.63 13.59
C LYS A 198 -7.38 13.89 12.64
N GLN A 199 -8.57 14.09 13.22
CA GLN A 199 -9.78 14.37 12.45
C GLN A 199 -9.88 15.87 12.15
N VAL A 200 -9.01 16.31 11.23
CA VAL A 200 -8.93 17.69 10.80
C VAL A 200 -8.68 17.73 9.29
N HIS A 201 -9.09 18.83 8.67
CA HIS A 201 -8.78 19.04 7.26
C HIS A 201 -7.28 19.05 7.05
N GLN A 202 -6.83 18.33 6.03
CA GLN A 202 -5.41 18.22 5.73
C GLN A 202 -5.14 18.48 4.27
N VAL A 203 -4.16 19.35 4.02
CA VAL A 203 -3.59 19.50 2.68
C VAL A 203 -3.30 18.12 2.13
N GLN A 204 -3.82 17.82 0.96
CA GLN A 204 -3.43 16.62 0.24
C GLN A 204 -2.63 17.00 -0.99
N LEU A 205 -1.55 16.26 -1.20
CA LEU A 205 -0.64 16.63 -2.25
C LEU A 205 -1.12 16.09 -3.59
N THR A 206 -0.58 16.67 -4.64
CA THR A 206 -0.95 16.28 -5.99
CA THR A 206 -1.00 16.26 -5.97
C THR A 206 -0.46 14.86 -6.28
N ASP A 207 -1.31 14.06 -6.89
CA ASP A 207 -0.86 12.77 -7.38
C ASP A 207 -0.15 12.97 -8.72
N LYS A 208 0.57 11.92 -9.14
CA LYS A 208 1.25 11.89 -10.43
C LYS A 208 1.12 10.51 -11.02
N TYR A 209 1.27 10.45 -12.35
CA TYR A 209 1.45 9.15 -12.99
C TYR A 209 2.80 8.53 -12.63
N CYS A 210 2.81 7.24 -12.31
CA CYS A 210 4.04 6.50 -11.98
CA CYS A 210 4.06 6.54 -11.99
C CYS A 210 4.69 6.04 -13.28
N SER A 211 5.70 6.77 -13.75
CA SER A 211 6.27 6.51 -15.07
CA SER A 211 6.27 6.51 -15.07
C SER A 211 6.79 5.08 -15.21
N VAL A 212 7.48 4.55 -14.19
CA VAL A 212 8.04 3.21 -14.34
C VAL A 212 6.92 2.19 -14.53
N ASN A 213 5.77 2.39 -13.88
CA ASN A 213 4.67 1.44 -14.03
C ASN A 213 3.99 1.59 -15.39
N VAL A 214 3.93 2.82 -15.93
CA VAL A 214 3.41 3.00 -17.28
C VAL A 214 4.29 2.26 -18.27
N VAL A 215 5.61 2.36 -18.11
CA VAL A 215 6.54 1.63 -18.96
C VAL A 215 6.30 0.13 -18.82
N ALA A 216 6.10 -0.35 -17.60
CA ALA A 216 5.81 -1.78 -17.41
C ALA A 216 4.58 -2.22 -18.20
N TRP A 217 3.53 -1.40 -18.16
CA TRP A 217 2.28 -1.73 -18.81
C TRP A 217 2.43 -1.73 -20.33
N LEU A 218 3.22 -0.78 -20.86
CA LEU A 218 3.49 -0.77 -22.31
C LEU A 218 4.30 -2.00 -22.70
N TYR A 219 5.21 -2.46 -21.84
CA TYR A 219 5.88 -3.74 -22.12
C TYR A 219 4.88 -4.91 -22.07
N ALA A 220 3.94 -4.91 -21.11
CA ALA A 220 2.92 -5.94 -21.09
C ALA A 220 2.13 -5.95 -22.39
N ALA A 221 1.88 -4.77 -22.95
CA ALA A 221 1.18 -4.68 -24.22
C ALA A 221 1.97 -5.37 -25.33
N ILE A 222 3.26 -5.08 -25.42
CA ILE A 222 4.13 -5.70 -26.43
C ILE A 222 4.18 -7.20 -26.25
N LEU A 223 4.30 -7.66 -25.01
CA LEU A 223 4.30 -9.09 -24.72
C LEU A 223 3.00 -9.78 -25.12
N ASN A 224 1.94 -9.02 -25.33
CA ASN A 224 0.66 -9.53 -25.80
C ASN A 224 0.43 -9.28 -27.27
N GLY A 225 1.46 -8.88 -28.00
CA GLY A 225 1.35 -8.62 -29.42
C GLY A 225 0.83 -7.25 -29.80
N CYS A 226 0.74 -6.32 -28.85
CA CYS A 226 0.16 -4.99 -29.06
C CYS A 226 1.31 -4.00 -29.04
N ALA A 227 1.73 -3.51 -30.21
CA ALA A 227 2.92 -2.67 -30.27
C ALA A 227 2.80 -1.53 -31.28
N TRP A 228 1.56 -1.13 -31.60
CA TRP A 228 1.38 -0.08 -32.60
C TRP A 228 2.05 1.22 -32.21
N PHE A 229 2.21 1.45 -30.91
CA PHE A 229 2.74 2.67 -30.35
C PHE A 229 4.26 2.71 -30.33
N VAL A 230 4.91 1.63 -30.70
CA VAL A 230 6.37 1.57 -30.69
C VAL A 230 6.89 2.12 -32.01
N LYS A 231 7.81 3.07 -31.91
CA LYS A 231 8.46 3.67 -33.06
C LYS A 231 9.96 3.59 -32.85
N PRO A 232 10.76 3.80 -33.90
CA PRO A 232 12.21 3.91 -33.69
C PRO A 232 12.58 5.08 -32.80
N ASN A 233 11.73 6.10 -32.72
CA ASN A 233 12.03 7.31 -31.97
C ASN A 233 12.27 6.99 -30.50
N ARG A 234 13.20 7.74 -29.91
CA ARG A 234 13.62 7.52 -28.53
CA ARG A 234 13.63 7.52 -28.54
C ARG A 234 13.73 8.84 -27.80
N THR A 235 13.43 8.81 -26.50
CA THR A 235 13.64 9.93 -25.60
C THR A 235 14.52 9.42 -24.47
N SER A 236 15.60 10.16 -24.18
CA SER A 236 16.51 9.74 -23.12
C SER A 236 15.84 9.87 -21.76
N VAL A 237 16.36 9.10 -20.79
CA VAL A 237 15.85 9.19 -19.43
C VAL A 237 15.98 10.61 -18.90
N VAL A 238 17.10 11.26 -19.18
CA VAL A 238 17.30 12.62 -18.70
CA VAL A 238 17.31 12.62 -18.71
C VAL A 238 16.27 13.55 -19.32
N SER A 239 16.06 13.44 -20.64
CA SER A 239 15.09 14.31 -21.32
C SER A 239 13.68 14.00 -20.87
N PHE A 240 13.35 12.71 -20.75
CA PHE A 240 12.02 12.33 -20.26
C PHE A 240 11.78 12.90 -18.86
N ASN A 241 12.79 12.82 -18.00
CA ASN A 241 12.56 13.27 -16.62
C ASN A 241 12.39 14.78 -16.53
N GLU A 242 13.03 15.55 -17.39
CA GLU A 242 12.72 16.97 -17.46
C GLU A 242 11.27 17.19 -17.87
N TRP A 243 10.83 16.43 -18.88
CA TRP A 243 9.45 16.52 -19.35
C TRP A 243 8.46 16.11 -18.26
N ALA A 244 8.82 15.08 -17.49
CA ALA A 244 7.89 14.54 -16.49
C ALA A 244 7.58 15.58 -15.42
N LEU A 245 8.58 16.36 -15.01
CA LEU A 245 8.38 17.36 -13.97
C LEU A 245 7.36 18.41 -14.41
N ALA A 246 7.23 18.64 -15.71
CA ALA A 246 6.27 19.61 -16.22
C ALA A 246 4.91 19.01 -16.50
N ASN A 247 4.76 17.69 -16.42
CA ASN A 247 3.56 17.05 -16.93
C ASN A 247 2.95 16.05 -15.94
N GLN A 248 3.27 16.16 -14.67
CA GLN A 248 2.61 15.40 -13.61
C GLN A 248 2.93 13.91 -13.71
N PHE A 249 4.15 13.59 -14.15
CA PHE A 249 4.70 12.25 -14.13
C PHE A 249 5.82 12.20 -13.11
N THR A 250 6.00 11.04 -12.47
CA THR A 250 7.19 10.82 -11.68
C THR A 250 8.38 10.73 -12.60
N GLU A 251 9.56 11.06 -12.06
CA GLU A 251 10.78 10.80 -12.80
C GLU A 251 11.02 9.29 -12.89
N PHE A 252 11.47 8.86 -14.06
CA PHE A 252 11.76 7.46 -14.32
C PHE A 252 13.11 7.04 -13.75
N VAL A 253 13.10 5.93 -13.01
CA VAL A 253 14.30 5.27 -12.51
C VAL A 253 14.23 3.81 -12.93
N GLY A 254 15.15 3.40 -13.79
CA GLY A 254 15.14 2.03 -14.27
C GLY A 254 15.60 1.03 -13.21
N THR A 255 15.19 -0.21 -13.40
CA THR A 255 15.50 -1.30 -12.48
C THR A 255 15.78 -2.55 -13.30
N GLN A 256 16.36 -3.54 -12.63
CA GLN A 256 16.59 -4.82 -13.31
C GLN A 256 15.31 -5.44 -13.83
N SER A 257 14.20 -5.26 -13.11
CA SER A 257 12.92 -5.81 -13.58
CA SER A 257 12.93 -5.82 -13.59
C SER A 257 12.51 -5.18 -14.91
N VAL A 258 12.72 -3.87 -15.04
CA VAL A 258 12.41 -3.23 -16.31
C VAL A 258 13.36 -3.71 -17.39
N ASP A 259 14.65 -3.83 -17.06
CA ASP A 259 15.64 -4.28 -18.04
C ASP A 259 15.27 -5.66 -18.59
N MET A 260 14.73 -6.54 -17.74
CA MET A 260 14.36 -7.88 -18.22
C MET A 260 13.26 -7.78 -19.27
N LEU A 261 12.33 -6.84 -19.11
CA LEU A 261 11.26 -6.65 -20.10
C LEU A 261 11.83 -6.10 -21.40
N ALA A 262 12.80 -5.19 -21.30
CA ALA A 262 13.44 -4.66 -22.50
C ALA A 262 14.16 -5.76 -23.27
N VAL A 263 14.81 -6.68 -22.56
CA VAL A 263 15.55 -7.76 -23.23
C VAL A 263 14.59 -8.75 -23.86
N LYS A 264 13.53 -9.11 -23.14
CA LYS A 264 12.57 -10.08 -23.66
C LYS A 264 11.90 -9.56 -24.93
N THR A 265 11.51 -8.28 -24.94
CA THR A 265 10.74 -7.71 -26.05
C THR A 265 11.61 -7.16 -27.16
N GLY A 266 12.87 -6.87 -26.89
CA GLY A 266 13.67 -6.16 -27.85
C GLY A 266 13.30 -4.69 -28.06
N VAL A 267 12.52 -4.09 -27.17
CA VAL A 267 12.18 -2.68 -27.26
C VAL A 267 12.88 -1.92 -26.14
N ALA A 268 13.56 -0.84 -26.50
CA ALA A 268 14.32 -0.10 -25.50
C ALA A 268 13.41 0.77 -24.65
N ILE A 269 13.82 0.92 -23.38
CA ILE A 269 13.13 1.82 -22.47
C ILE A 269 12.89 3.17 -23.13
N GLU A 270 13.92 3.69 -23.80
CA GLU A 270 13.84 5.03 -24.35
C GLU A 270 12.79 5.11 -25.46
N GLN A 271 12.51 4.01 -26.15
CA GLN A 271 11.42 4.00 -27.13
C GLN A 271 10.07 4.17 -26.43
N LEU A 272 9.94 3.59 -25.24
CA LEU A 272 8.69 3.69 -24.53
C LEU A 272 8.55 5.01 -23.80
N LEU A 273 9.67 5.63 -23.38
CA LEU A 273 9.57 6.98 -22.85
C LEU A 273 9.07 7.97 -23.92
N TYR A 274 9.53 7.82 -25.17
CA TYR A 274 8.99 8.61 -26.26
C TYR A 274 7.51 8.31 -26.47
N ALA A 275 7.13 7.02 -26.47
CA ALA A 275 5.73 6.67 -26.67
C ALA A 275 4.84 7.31 -25.61
N ILE A 276 5.29 7.31 -24.35
CA ILE A 276 4.50 7.89 -23.27
C ILE A 276 4.21 9.36 -23.56
N GLN A 277 5.24 10.11 -23.94
CA GLN A 277 5.06 11.52 -24.26
C GLN A 277 4.02 11.73 -25.35
N GLN A 278 4.01 10.86 -26.34
CA GLN A 278 3.02 11.00 -27.42
C GLN A 278 1.64 10.54 -26.97
N LEU A 279 1.58 9.41 -26.25
CA LEU A 279 0.29 8.90 -25.80
C LEU A 279 -0.36 9.82 -24.78
N TYR A 280 0.44 10.52 -23.98
CA TYR A 280 -0.13 11.46 -23.01
C TYR A 280 -0.94 12.54 -23.72
N THR A 281 -0.52 12.96 -24.91
CA THR A 281 -1.28 13.94 -25.69
C THR A 281 -2.53 13.34 -26.33
N GLY A 282 -2.69 12.01 -26.31
CA GLY A 282 -3.91 11.37 -26.79
C GLY A 282 -3.68 10.07 -27.53
N PHE A 283 -4.58 9.10 -27.36
CA PHE A 283 -4.46 7.80 -28.01
C PHE A 283 -5.01 7.82 -29.44
N GLN A 284 -5.52 8.94 -29.91
CA GLN A 284 -6.02 9.08 -31.28
C GLN A 284 -6.98 7.94 -31.62
N GLY A 285 -7.89 7.66 -30.69
CA GLY A 285 -8.93 6.69 -30.93
C GLY A 285 -8.52 5.24 -30.81
N LYS A 286 -7.26 4.97 -30.48
CA LYS A 286 -6.79 3.60 -30.39
C LYS A 286 -6.83 3.12 -28.95
N GLN A 287 -6.70 1.81 -28.77
CA GLN A 287 -6.66 1.21 -27.45
C GLN A 287 -5.35 0.46 -27.24
N ILE A 288 -4.91 0.41 -25.99
CA ILE A 288 -3.81 -0.43 -25.56
C ILE A 288 -4.32 -1.31 -24.42
N LEU A 289 -4.30 -2.62 -24.62
CA LEU A 289 -4.78 -3.58 -23.61
C LEU A 289 -6.15 -3.17 -23.07
N GLY A 290 -7.05 -2.83 -23.99
CA GLY A 290 -8.41 -2.48 -23.67
C GLY A 290 -8.62 -1.07 -23.13
N SER A 291 -7.58 -0.26 -23.01
CA SER A 291 -7.66 1.03 -22.34
C SER A 291 -7.38 2.16 -23.32
N THR A 292 -8.06 3.30 -23.10
CA THR A 292 -7.81 4.52 -23.84
C THR A 292 -7.02 5.53 -23.02
N MET A 293 -6.44 5.09 -21.89
CA MET A 293 -5.61 5.96 -21.09
C MET A 293 -4.44 5.16 -20.53
N LEU A 294 -3.39 5.89 -20.18
CA LEU A 294 -2.22 5.25 -19.61
C LEU A 294 -2.58 4.58 -18.29
N GLU A 295 -2.03 3.39 -18.06
CA GLU A 295 -2.24 2.60 -16.85
C GLU A 295 -0.96 2.55 -16.04
N ASP A 296 -1.03 2.91 -14.75
CA ASP A 296 0.16 2.91 -13.90
C ASP A 296 -0.02 2.08 -12.62
N GLU A 297 -1.00 1.18 -12.58
CA GLU A 297 -1.25 0.38 -11.39
C GLU A 297 -0.64 -1.02 -11.46
N PHE A 298 0.16 -1.30 -12.50
CA PHE A 298 0.91 -2.54 -12.63
C PHE A 298 2.41 -2.28 -12.64
N THR A 299 3.13 -3.00 -11.82
CA THR A 299 4.57 -2.81 -11.66
C THR A 299 5.36 -3.67 -12.62
N PRO A 300 6.64 -3.35 -12.83
CA PRO A 300 7.48 -4.23 -13.65
C PRO A 300 7.53 -5.65 -13.12
N GLU A 301 7.50 -5.79 -11.80
CA GLU A 301 7.49 -7.11 -11.18
C GLU A 301 6.19 -7.85 -11.47
N ASP A 302 5.05 -7.16 -11.45
CA ASP A 302 3.78 -7.77 -11.85
C ASP A 302 3.86 -8.34 -13.23
N VAL A 303 4.43 -7.57 -14.16
CA VAL A 303 4.46 -8.00 -15.55
C VAL A 303 5.41 -9.18 -15.71
N ASN A 304 6.56 -9.14 -15.03
CA ASN A 304 7.50 -10.25 -15.09
C ASN A 304 6.87 -11.52 -14.54
N MET A 305 6.16 -11.42 -13.41
CA MET A 305 5.59 -12.59 -12.77
C MET A 305 4.39 -13.13 -13.54
N GLN A 306 3.46 -12.25 -13.90
CA GLN A 306 2.18 -12.75 -14.40
C GLN A 306 2.23 -13.13 -15.84
N ILE A 307 2.99 -12.42 -16.65
CA ILE A 307 3.10 -12.70 -18.06
C ILE A 307 4.31 -13.56 -18.37
N MET A 308 5.46 -13.28 -17.78
CA MET A 308 6.66 -14.04 -18.12
C MET A 308 6.93 -15.20 -17.19
N GLY A 309 6.14 -15.38 -16.14
CA GLY A 309 6.36 -16.46 -15.19
C GLY A 309 7.66 -16.40 -14.44
N VAL A 310 8.21 -15.20 -14.26
CA VAL A 310 9.45 -15.01 -13.52
C VAL A 310 9.14 -14.61 -12.09
C1 A1AGP B . -13.62 12.13 4.85
C2 A1AGP B . -14.35 10.97 5.46
C3 A1AGP B . -14.17 11.16 6.94
C4 A1AGP B . -12.85 11.92 7.06
C5 A1AGP B . -11.69 10.98 7.33
C6 A1AGP B . -10.89 9.63 9.05
C8 A1AGP B . -9.56 8.68 12.37
C9 A1AGP B . -8.51 9.76 12.60
C10 A1AGP B . -7.18 9.36 11.98
C11 A1AGP B . -8.34 10.07 14.07
C15 A1AGP B . -11.79 5.31 7.92
C16 A1AGP B . -11.74 4.91 6.46
C18 A1AGP B . -13.29 5.48 8.20
C20 A1AGP B . -11.68 13.56 5.55
C21 A1AGP B . -12.22 14.97 5.51
C24 A1AGP B . -12.61 17.71 6.44
C25 A1AGP B . -13.69 16.70 6.62
C26 A1AGP B . -13.10 15.29 6.72
O2 A1AGP B . -11.64 10.70 8.74
O6 A1AGP B . -10.52 8.80 8.24
C7 A1AGP B . -9.93 8.46 10.92
C12 A1AGP B . -10.91 7.30 10.71
C14 A1AGP B . -11.06 4.36 8.87
C17 A1AGP B . -13.89 5.71 6.82
C19 A1AGP B . -10.56 3.84 11.32
C23 A1AGP B . -11.69 17.42 5.30
C13 A1AGP B . -11.11 4.86 10.32
C22 A1AGP B . -11.12 16.02 5.41
F1 A1AGP B . -11.87 17.81 7.62
F2 A1AGP B . -13.17 18.96 6.28
N1 A1AGP B . -10.61 9.61 10.36
N2 A1AGP B . -10.36 6.12 10.44
N3 A1AGP B . -12.93 5.09 5.92
N4 A1AGP B . -12.72 12.57 5.76
O1 A1AGP B . -13.77 12.58 3.71
O3 A1AGP B . -10.72 4.49 5.88
O4 A1AGP B . -11.33 2.64 11.32
O5 A1AGP B . -12.13 7.48 10.74
C2 A1AGO C . -14.31 10.93 5.53
C4 A1AGO C . -12.81 11.88 7.14
C5 A1AGO C . -11.66 10.92 7.40
C6 A1AGO C . -10.94 9.53 9.14
C7 A1AGO C . -9.99 8.37 11.04
C8 A1AGO C . -9.57 8.64 12.48
C12 A1AGO C . -10.92 7.16 10.97
C15 A1AGO C . -11.80 5.29 7.95
C17 A1AGO C . -13.91 5.67 6.85
C18 A1AGO C . -13.30 5.43 8.23
C21 A1AGO C . -12.19 14.94 5.59
C24 A1AGO C . -12.57 17.68 6.51
N1 A1AGO C . -10.65 9.51 10.45
N3 A1AGO C . -12.96 5.03 5.95
C9 A1AGO C . -8.49 9.72 12.65
C10 A1AGO C . -7.18 9.28 12.03
C13 A1AGO C . -11.10 4.79 10.34
C14 A1AGO C . -11.05 4.34 8.88
C22 A1AGO C . -11.08 15.98 5.48
C25 A1AGO C . -13.65 16.66 6.70
C1 A1AGO C . -13.58 12.10 4.92
O2 A1AGO C . -11.62 10.64 8.82
C3 A1AGO C . -14.13 11.14 7.02
O6 A1AGO C . -10.64 8.66 8.35
C11 A1AGO C . -8.31 10.05 14.11
C16 A1AGO C . -11.76 4.84 6.49
C19 A1AGO C . -10.57 3.74 11.27
C20 A1AGO C . -11.64 13.53 5.64
C23 A1AGO C . -11.66 17.39 5.37
C26 A1AGO C . -13.07 15.26 6.79
F1 A1AGO C . -11.84 17.78 7.68
F2 A1AGO C . -13.14 18.93 6.35
N2 A1AGO C . -10.36 6.04 10.49
N4 A1AGO C . -12.68 12.53 5.83
O1 A1AGO C . -13.71 12.54 3.79
O3 A1AGO C . -10.75 4.38 5.94
O4 A1AGO C . -10.76 4.06 12.63
O5 A1AGO C . -12.10 7.22 11.33
#